data_7AXX
#
_entry.id   7AXX
#
_cell.length_a   46.030
_cell.length_b   46.900
_cell.length_c   126.320
_cell.angle_alpha   90.00
_cell.angle_beta   90.00
_cell.angle_gamma   90.00
#
_symmetry.space_group_name_H-M   'P 21 21 21'
#
loop_
_entity.id
_entity.type
_entity.pdbx_description
1 polymer 'WD repeat-containing protein 5'
2 polymer (ALQ)(4FO)R(ABA)(DPN)(EDN)(S7Z)
3 water water
#
loop_
_entity_poly.entity_id
_entity_poly.type
_entity_poly.pdbx_seq_one_letter_code
_entity_poly.pdbx_strand_id
1 'polypeptide(L)'
;MATEEKKPETEAARAQPTPSSSATQSKPTPVKPNYALKFTLAGHTKAVSSVKFSPNGEWLASSSADKLIKIWGAYDGKFE
KTISGHKLGISDVAWSSDSNLLVSASDDKTLKIWDVSSGKCLKTLKGHSNYVFCCNFNPQSNLIVSGSFDESVRIWDVKT
GKCLKTLPAHSDPVSAVHFNRDGSLIVSSSYDGLCRIWDTASGQCLKTLIDDDNPPVSFVKFSPNGKYILAATLDNTLKL
WDYSKGKCLKTYTGHKNEKYCIFANFSVTGGKWIVSGSEDNLVYIWNLQTKEIVQKLQGHTDVVISTACHPTENIIASAA
LENDKTIKLWKSDC
;
A
2 'polypeptide(L)' (ALQ)(4FO)R(ABA)(DPN)(EDN)(S7Z) B
#
loop_
_chem_comp.id
_chem_comp.type
_chem_comp.name
_chem_comp.formula
ALQ non-polymer '2-METHYL-PROPIONIC ACID' 'C4 H8 O2'
EDN non-polymer ETHANE-1,2-DIAMINE 'C2 H8 N2'
S7Z non-polymer (E)-(4-((2,6-difluoro-4-(hydroxymethyl)phenyl)diazenyl)-2,6-difluorophenyl)methanol 'C14 H6 F4 N2 O4'
#
# COMPACT_ATOMS: atom_id res chain seq x y z
N ALA A 23 46.52 8.98 -7.92
CA ALA A 23 45.11 9.13 -7.46
C ALA A 23 44.73 7.92 -6.61
N THR A 24 44.99 8.02 -5.30
CA THR A 24 44.55 7.02 -4.32
C THR A 24 43.08 6.60 -4.58
N GLN A 25 42.13 7.50 -4.28
CA GLN A 25 40.69 7.29 -4.45
C GLN A 25 40.16 6.03 -3.74
N SER A 26 39.06 6.18 -3.00
CA SER A 26 38.60 5.14 -2.05
C SER A 26 37.41 4.30 -2.49
N LYS A 27 36.26 4.96 -2.69
CA LYS A 27 34.92 4.37 -2.79
C LYS A 27 34.04 5.15 -1.80
N PRO A 28 33.02 5.91 -2.27
CA PRO A 28 32.17 6.69 -1.36
C PRO A 28 31.59 5.86 -0.20
N THR A 29 31.42 6.51 0.95
CA THR A 29 30.98 5.87 2.19
C THR A 29 29.46 5.69 2.35
N PRO A 30 28.60 6.65 1.93
CA PRO A 30 27.16 6.49 2.13
C PRO A 30 26.59 5.30 1.36
N VAL A 31 26.03 4.34 2.10
CA VAL A 31 25.47 3.10 1.55
C VAL A 31 24.43 3.41 0.46
N LYS A 32 24.47 2.64 -0.64
CA LYS A 32 23.40 2.63 -1.63
C LYS A 32 22.92 1.20 -1.85
N PRO A 33 21.66 1.00 -2.26
CA PRO A 33 21.10 -0.35 -2.34
C PRO A 33 21.59 -0.97 -3.62
N ASN A 34 21.59 -2.30 -3.69
CA ASN A 34 21.91 -3.03 -4.92
C ASN A 34 20.87 -4.11 -5.22
N TYR A 35 19.59 -3.72 -5.17
CA TYR A 35 18.47 -4.59 -5.49
C TYR A 35 18.66 -5.19 -6.88
N ALA A 36 18.53 -6.51 -6.93
CA ALA A 36 18.60 -7.30 -8.13
C ALA A 36 17.41 -8.28 -8.15
N LEU A 37 16.90 -8.53 -9.36
CA LEU A 37 15.78 -9.38 -9.60
C LEU A 37 16.09 -10.83 -9.24
N LYS A 38 15.24 -11.44 -8.41
CA LYS A 38 15.44 -12.82 -7.99
C LYS A 38 14.38 -13.80 -8.48
N PHE A 39 13.12 -13.38 -8.48
CA PHE A 39 12.00 -14.22 -8.89
C PHE A 39 10.93 -13.38 -9.58
N THR A 40 10.25 -14.00 -10.56
CA THR A 40 9.07 -13.40 -11.17
C THR A 40 7.91 -14.35 -10.90
N LEU A 41 6.83 -13.79 -10.35
CA LEU A 41 5.68 -14.54 -9.86
C LEU A 41 4.51 -14.35 -10.83
N ALA A 42 4.19 -15.41 -11.58
CA ALA A 42 3.18 -15.42 -12.61
C ALA A 42 1.97 -16.21 -12.14
N GLY A 43 0.79 -15.76 -12.56
CA GLY A 43 -0.41 -16.48 -12.24
C GLY A 43 -1.67 -15.67 -12.32
N HIS A 44 -1.61 -14.39 -11.97
CA HIS A 44 -2.81 -13.56 -12.14
C HIS A 44 -3.12 -13.43 -13.64
N THR A 45 -4.42 -13.37 -13.97
CA THR A 45 -4.84 -13.32 -15.36
C THR A 45 -5.28 -11.93 -15.77
N LYS A 46 -5.29 -10.98 -14.83
CA LYS A 46 -5.54 -9.59 -15.09
C LYS A 46 -4.54 -8.78 -14.27
N ALA A 47 -4.60 -7.46 -14.43
CA ALA A 47 -3.73 -6.53 -13.69
C ALA A 47 -3.65 -6.87 -12.26
N VAL A 48 -2.44 -6.84 -11.70
CA VAL A 48 -2.24 -6.96 -10.27
C VAL A 48 -2.54 -5.57 -9.69
N SER A 49 -3.14 -5.53 -8.49
CA SER A 49 -3.50 -4.27 -7.83
C SER A 49 -2.67 -3.92 -6.59
N SER A 50 -2.23 -4.91 -5.84
CA SER A 50 -1.59 -4.65 -4.56
C SER A 50 -0.81 -5.91 -4.16
N VAL A 51 0.38 -5.71 -3.57
CA VAL A 51 1.18 -6.77 -2.93
C VAL A 51 1.54 -6.29 -1.53
N LYS A 52 1.48 -7.21 -0.56
CA LYS A 52 1.82 -6.93 0.83
C LYS A 52 2.48 -8.17 1.43
N PHE A 53 3.58 -7.95 2.17
CA PHE A 53 4.24 -9.01 2.95
C PHE A 53 3.54 -9.23 4.26
N SER A 54 3.41 -10.49 4.68
CA SER A 54 2.91 -10.77 6.00
C SER A 54 3.87 -10.19 7.05
N PRO A 55 3.34 -9.71 8.20
CA PRO A 55 4.19 -9.21 9.27
C PRO A 55 5.20 -10.19 9.77
N ASN A 56 4.91 -11.50 9.70
CA ASN A 56 5.87 -12.53 10.10
C ASN A 56 6.98 -12.84 9.07
N GLY A 57 6.97 -12.15 7.93
CA GLY A 57 7.99 -12.33 6.91
C GLY A 57 7.91 -13.54 6.01
N GLU A 58 6.92 -14.42 6.24
CA GLU A 58 6.85 -15.70 5.57
C GLU A 58 6.16 -15.63 4.18
N TRP A 59 5.19 -14.73 4.03
CA TRP A 59 4.29 -14.72 2.86
C TRP A 59 4.20 -13.38 2.19
N LEU A 60 3.79 -13.42 0.92
CA LEU A 60 3.42 -12.23 0.17
C LEU A 60 1.98 -12.53 -0.33
N ALA A 61 1.08 -11.58 -0.15
CA ALA A 61 -0.28 -11.62 -0.67
C ALA A 61 -0.33 -10.64 -1.83
N SER A 62 -1.05 -11.04 -2.90
CA SER A 62 -1.31 -10.20 -4.05
C SER A 62 -2.79 -10.20 -4.35
N SER A 63 -3.30 -9.09 -4.88
CA SER A 63 -4.68 -8.98 -5.28
C SER A 63 -4.71 -8.49 -6.70
N SER A 64 -5.81 -8.80 -7.40
CA SER A 64 -5.87 -8.54 -8.81
C SER A 64 -7.26 -8.16 -9.25
N ALA A 65 -7.34 -7.45 -10.38
CA ALA A 65 -8.59 -7.30 -11.13
C ALA A 65 -9.26 -8.63 -11.53
N ASP A 66 -8.52 -9.74 -11.49
CA ASP A 66 -9.07 -11.06 -11.76
C ASP A 66 -9.93 -11.63 -10.63
N LYS A 67 -10.18 -10.84 -9.57
CA LYS A 67 -11.07 -11.19 -8.44
C LYS A 67 -10.43 -12.18 -7.46
N LEU A 68 -9.13 -12.39 -7.60
CA LEU A 68 -8.42 -13.33 -6.76
C LEU A 68 -7.36 -12.70 -5.87
N ILE A 69 -7.08 -13.39 -4.78
CA ILE A 69 -5.93 -13.14 -3.95
C ILE A 69 -5.05 -14.37 -4.15
N LYS A 70 -3.74 -14.16 -4.25
CA LYS A 70 -2.80 -15.26 -4.30
C LYS A 70 -1.78 -15.03 -3.18
N ILE A 71 -1.36 -16.13 -2.57
CA ILE A 71 -0.33 -16.17 -1.53
C ILE A 71 0.89 -16.88 -2.11
N TRP A 72 2.07 -16.32 -1.83
CA TRP A 72 3.33 -16.76 -2.37
C TRP A 72 4.36 -16.78 -1.23
N GLY A 73 5.37 -17.64 -1.34
CA GLY A 73 6.51 -17.63 -0.41
C GLY A 73 7.24 -16.30 -0.52
N ALA A 74 7.49 -15.65 0.62
CA ALA A 74 8.12 -14.31 0.62
C ALA A 74 9.59 -14.35 0.21
N TYR A 75 10.23 -15.49 0.47
CA TYR A 75 11.66 -15.65 0.23
C TYR A 75 11.98 -16.21 -1.15
N ASP A 76 11.19 -17.20 -1.58
CA ASP A 76 11.45 -17.94 -2.82
C ASP A 76 10.39 -17.76 -3.92
N GLY A 77 9.33 -17.02 -3.63
CA GLY A 77 8.30 -16.68 -4.58
C GLY A 77 7.43 -17.86 -4.95
N LYS A 78 7.50 -18.95 -4.18
CA LYS A 78 6.79 -20.16 -4.52
C LYS A 78 5.29 -19.92 -4.33
N PHE A 79 4.50 -20.25 -5.36
CA PHE A 79 3.06 -20.13 -5.30
C PHE A 79 2.53 -21.06 -4.19
N GLU A 80 1.65 -20.55 -3.33
CA GLU A 80 1.15 -21.29 -2.19
C GLU A 80 -0.32 -21.63 -2.39
N LYS A 81 -1.14 -20.60 -2.65
CA LYS A 81 -2.58 -20.78 -2.86
C LYS A 81 -3.30 -19.57 -3.43
N THR A 82 -4.52 -19.82 -3.92
CA THR A 82 -5.42 -18.80 -4.42
C THR A 82 -6.60 -18.71 -3.46
N ILE A 83 -7.02 -17.50 -3.13
CA ILE A 83 -8.21 -17.29 -2.29
C ILE A 83 -9.23 -16.52 -3.16
N SER A 84 -10.40 -17.12 -3.36
CA SER A 84 -11.41 -16.54 -4.25
C SER A 84 -12.68 -16.37 -3.48
N GLY A 85 -13.59 -15.58 -4.04
CA GLY A 85 -14.90 -15.33 -3.45
C GLY A 85 -15.48 -13.98 -3.82
N HIS A 86 -14.64 -12.97 -4.04
CA HIS A 86 -15.18 -11.69 -4.45
C HIS A 86 -15.85 -11.85 -5.82
N LYS A 87 -16.87 -11.01 -6.08
CA LYS A 87 -17.64 -11.00 -7.31
C LYS A 87 -17.10 -10.10 -8.38
N LEU A 88 -16.27 -9.13 -7.98
CA LEU A 88 -15.60 -8.27 -8.93
C LEU A 88 -14.13 -8.11 -8.49
N GLY A 89 -13.35 -7.34 -9.26
CA GLY A 89 -11.94 -7.17 -9.00
C GLY A 89 -11.66 -6.57 -7.63
N ILE A 90 -10.41 -6.77 -7.17
CA ILE A 90 -9.94 -6.36 -5.87
C ILE A 90 -8.89 -5.30 -6.07
N SER A 91 -9.05 -4.17 -5.37
CA SER A 91 -8.08 -3.05 -5.42
C SER A 91 -6.99 -3.05 -4.32
N ASP A 92 -7.19 -3.80 -3.22
CA ASP A 92 -6.24 -3.76 -2.11
C ASP A 92 -6.45 -4.99 -1.22
N VAL A 93 -5.37 -5.36 -0.49
CA VAL A 93 -5.40 -6.38 0.54
C VAL A 93 -4.52 -5.90 1.68
N ALA A 94 -4.76 -6.43 2.90
CA ALA A 94 -3.95 -6.09 4.05
C ALA A 94 -3.98 -7.23 5.04
N TRP A 95 -2.87 -7.39 5.76
CA TRP A 95 -2.67 -8.49 6.73
C TRP A 95 -2.95 -8.04 8.12
N SER A 96 -3.46 -8.97 8.94
CA SER A 96 -3.54 -8.76 10.37
C SER A 96 -2.16 -8.92 10.98
N SER A 97 -2.01 -8.36 12.18
CA SER A 97 -0.74 -8.31 12.87
C SER A 97 -0.14 -9.66 13.15
N ASP A 98 -1.00 -10.64 13.39
CA ASP A 98 -0.58 -12.01 13.66
C ASP A 98 -0.45 -12.88 12.40
N SER A 99 -0.53 -12.24 11.22
CA SER A 99 -0.39 -12.89 9.92
C SER A 99 -1.44 -13.98 9.64
N ASN A 100 -2.53 -14.03 10.43
CA ASN A 100 -3.52 -15.08 10.27
C ASN A 100 -4.66 -14.71 9.33
N LEU A 101 -4.94 -13.40 9.23
CA LEU A 101 -6.05 -12.88 8.48
C LEU A 101 -5.61 -11.91 7.43
N LEU A 102 -6.41 -11.88 6.37
CA LEU A 102 -6.33 -10.88 5.34
C LEU A 102 -7.68 -10.19 5.21
N VAL A 103 -7.64 -8.94 4.75
CA VAL A 103 -8.81 -8.22 4.38
C VAL A 103 -8.58 -7.70 2.97
N SER A 104 -9.61 -7.80 2.14
CA SER A 104 -9.59 -7.33 0.76
C SER A 104 -10.67 -6.33 0.48
N ALA A 105 -10.38 -5.37 -0.41
CA ALA A 105 -11.30 -4.31 -0.81
C ALA A 105 -11.65 -4.51 -2.30
N SER A 106 -12.94 -4.62 -2.62
CA SER A 106 -13.42 -4.98 -3.95
C SER A 106 -14.38 -3.94 -4.61
N ASP A 107 -14.38 -3.98 -5.95
CA ASP A 107 -15.36 -3.27 -6.79
C ASP A 107 -16.77 -3.76 -6.50
N ASP A 108 -16.92 -4.92 -5.84
CA ASP A 108 -18.22 -5.46 -5.49
C ASP A 108 -18.87 -4.73 -4.28
N LYS A 109 -18.18 -3.68 -3.78
CA LYS A 109 -18.68 -2.80 -2.72
C LYS A 109 -18.55 -3.40 -1.34
N THR A 110 -17.86 -4.55 -1.25
CA THR A 110 -17.63 -5.18 0.05
C THR A 110 -16.13 -5.25 0.34
N LEU A 111 -15.82 -5.47 1.62
CA LEU A 111 -14.57 -6.04 2.02
C LEU A 111 -14.84 -7.45 2.52
N LYS A 112 -13.83 -8.30 2.39
CA LYS A 112 -13.91 -9.62 2.97
C LYS A 112 -12.72 -9.87 3.85
N ILE A 113 -12.98 -10.57 4.96
CA ILE A 113 -11.94 -10.98 5.90
C ILE A 113 -11.77 -12.48 5.73
N TRP A 114 -10.51 -12.90 5.56
CA TRP A 114 -10.17 -14.24 5.14
C TRP A 114 -9.28 -14.84 6.18
N ASP A 115 -9.52 -16.12 6.49
CA ASP A 115 -8.56 -16.94 7.23
C ASP A 115 -7.54 -17.49 6.23
N VAL A 116 -6.30 -17.00 6.30
CA VAL A 116 -5.31 -17.30 5.26
C VAL A 116 -5.03 -18.82 5.18
N SER A 117 -4.94 -19.48 6.33
CA SER A 117 -4.59 -20.89 6.36
C SER A 117 -5.61 -21.78 5.67
N SER A 118 -6.90 -21.47 5.86
CA SER A 118 -7.98 -22.27 5.29
C SER A 118 -8.52 -21.68 3.99
N GLY A 119 -8.22 -20.40 3.72
CA GLY A 119 -8.84 -19.66 2.62
C GLY A 119 -10.30 -19.30 2.81
N LYS A 120 -10.85 -19.64 3.99
CA LYS A 120 -12.24 -19.35 4.32
C LYS A 120 -12.50 -17.85 4.44
N CYS A 121 -13.60 -17.41 3.83
CA CYS A 121 -14.17 -16.08 4.06
C CYS A 121 -14.86 -16.09 5.41
N LEU A 122 -14.32 -15.33 6.37
CA LEU A 122 -14.90 -15.32 7.71
C LEU A 122 -16.05 -14.36 7.83
N LYS A 123 -15.95 -13.22 7.13
CA LYS A 123 -16.95 -12.17 7.20
C LYS A 123 -16.95 -11.40 5.90
N THR A 124 -18.11 -10.91 5.52
CA THR A 124 -18.22 -9.96 4.43
C THR A 124 -18.73 -8.67 5.02
N LEU A 125 -17.99 -7.58 4.75
CA LEU A 125 -18.23 -6.26 5.32
C LEU A 125 -18.98 -5.42 4.29
N LYS A 126 -20.26 -5.19 4.57
CA LYS A 126 -21.18 -4.52 3.67
C LYS A 126 -21.58 -3.18 4.25
N GLY A 127 -21.60 -2.15 3.39
CA GLY A 127 -21.98 -0.82 3.83
C GLY A 127 -21.66 0.23 2.79
N HIS A 128 -20.51 0.10 2.14
CA HIS A 128 -20.14 1.07 1.12
C HIS A 128 -21.09 0.95 -0.06
N SER A 129 -21.28 2.07 -0.75
CA SER A 129 -22.22 2.19 -1.85
C SER A 129 -21.52 2.33 -3.17
N ASN A 130 -20.20 2.09 -3.19
CA ASN A 130 -19.43 2.13 -4.44
C ASN A 130 -18.15 1.34 -4.20
N TYR A 131 -17.27 1.27 -5.20
CA TYR A 131 -16.04 0.44 -5.11
C TYR A 131 -15.31 0.72 -3.79
N VAL A 132 -14.91 -0.35 -3.10
CA VAL A 132 -13.98 -0.21 -1.99
C VAL A 132 -12.56 -0.29 -2.59
N PHE A 133 -11.73 0.71 -2.26
CA PHE A 133 -10.49 0.97 -2.94
C PHE A 133 -9.25 0.68 -2.13
N CYS A 134 -9.38 0.78 -0.80
CA CYS A 134 -8.25 0.68 0.10
C CYS A 134 -8.72 0.16 1.45
N CYS A 135 -7.82 -0.51 2.16
CA CYS A 135 -8.12 -1.13 3.44
C CYS A 135 -6.84 -1.38 4.24
N ASN A 136 -6.99 -1.46 5.56
CA ASN A 136 -5.88 -1.73 6.49
C ASN A 136 -6.43 -2.14 7.85
N PHE A 137 -5.74 -3.07 8.51
CA PHE A 137 -5.99 -3.38 9.91
C PHE A 137 -5.25 -2.38 10.81
N ASN A 138 -5.75 -2.18 12.03
CA ASN A 138 -5.00 -1.43 13.01
C ASN A 138 -3.95 -2.36 13.61
N PRO A 139 -2.93 -1.82 14.32
CA PRO A 139 -1.94 -2.66 14.97
C PRO A 139 -2.50 -3.77 15.87
N GLN A 140 -3.54 -3.50 16.64
CA GLN A 140 -4.17 -4.48 17.53
C GLN A 140 -4.88 -5.55 16.70
N SER A 141 -5.25 -5.18 15.47
CA SER A 141 -6.04 -5.96 14.52
C SER A 141 -7.43 -6.33 15.00
N ASN A 142 -8.01 -5.47 15.83
CA ASN A 142 -9.42 -5.58 16.19
C ASN A 142 -10.30 -4.69 15.32
N LEU A 143 -9.66 -3.81 14.52
CA LEU A 143 -10.37 -2.94 13.61
C LEU A 143 -9.79 -2.99 12.22
N ILE A 144 -10.66 -2.68 11.25
CA ILE A 144 -10.25 -2.44 9.90
C ILE A 144 -10.77 -1.07 9.50
N VAL A 145 -9.96 -0.36 8.71
CA VAL A 145 -10.39 0.88 8.08
C VAL A 145 -10.46 0.66 6.56
N SER A 146 -11.46 1.25 5.92
CA SER A 146 -11.68 1.16 4.48
C SER A 146 -11.93 2.54 3.91
N GLY A 147 -11.58 2.73 2.64
CA GLY A 147 -11.85 3.93 1.86
C GLY A 147 -12.54 3.51 0.57
N SER A 148 -13.50 4.33 0.12
CA SER A 148 -14.29 3.99 -1.03
C SER A 148 -14.40 5.10 -2.07
N PHE A 149 -14.79 4.70 -3.27
CA PHE A 149 -15.28 5.62 -4.30
C PHE A 149 -16.56 6.37 -3.85
N ASP A 150 -17.23 5.89 -2.80
CA ASP A 150 -18.41 6.58 -2.26
C ASP A 150 -18.04 7.78 -1.37
N GLU A 151 -16.73 8.03 -1.24
CA GLU A 151 -16.16 9.24 -0.65
C GLU A 151 -16.07 9.17 0.85
N SER A 152 -16.42 8.01 1.41
CA SER A 152 -16.40 7.80 2.83
C SER A 152 -15.27 6.86 3.28
N VAL A 153 -14.94 6.97 4.57
CA VAL A 153 -14.08 6.05 5.29
C VAL A 153 -14.95 5.36 6.31
N ARG A 154 -14.82 4.03 6.39
CA ARG A 154 -15.53 3.26 7.38
C ARG A 154 -14.57 2.53 8.30
N ILE A 155 -14.96 2.43 9.56
CA ILE A 155 -14.24 1.70 10.58
C ILE A 155 -15.06 0.51 11.00
N TRP A 156 -14.44 -0.68 10.94
CA TRP A 156 -15.14 -1.94 11.15
C TRP A 156 -14.56 -2.73 12.29
N ASP A 157 -15.44 -3.42 13.01
CA ASP A 157 -15.02 -4.36 14.04
C ASP A 157 -14.70 -5.70 13.37
N VAL A 158 -13.51 -6.23 13.66
CA VAL A 158 -13.05 -7.46 13.02
C VAL A 158 -13.84 -8.64 13.49
N LYS A 159 -14.09 -8.70 14.80
CA LYS A 159 -14.77 -9.84 15.41
C LYS A 159 -16.20 -10.04 14.94
N THR A 160 -16.95 -8.94 14.80
CA THR A 160 -18.35 -9.06 14.38
C THR A 160 -18.57 -8.80 12.90
N GLY A 161 -17.60 -8.14 12.27
CA GLY A 161 -17.74 -7.66 10.92
C GLY A 161 -18.66 -6.44 10.76
N LYS A 162 -19.03 -5.80 11.86
N LYS A 162 -18.99 -5.79 11.88
CA LYS A 162 -19.98 -4.71 11.76
CA LYS A 162 -19.90 -4.64 11.93
C LYS A 162 -19.30 -3.33 11.67
C LYS A 162 -19.22 -3.31 11.60
N CYS A 163 -19.95 -2.44 10.92
CA CYS A 163 -19.45 -1.10 10.67
C CYS A 163 -19.69 -0.29 11.94
N LEU A 164 -18.61 0.17 12.55
CA LEU A 164 -18.66 0.96 13.78
C LEU A 164 -18.90 2.44 13.53
N LYS A 165 -18.22 3.00 12.52
CA LYS A 165 -18.33 4.40 12.19
C LYS A 165 -18.23 4.57 10.69
N THR A 166 -18.96 5.57 10.18
CA THR A 166 -18.79 6.04 8.81
C THR A 166 -18.44 7.52 8.85
N LEU A 167 -17.31 7.88 8.25
CA LEU A 167 -16.82 9.24 8.28
C LEU A 167 -17.05 9.85 6.91
N PRO A 168 -17.60 11.07 6.89
CA PRO A 168 -17.80 11.80 5.64
C PRO A 168 -16.52 12.50 5.26
N ALA A 169 -15.56 11.68 4.85
CA ALA A 169 -14.16 11.99 4.92
C ALA A 169 -13.76 12.95 3.83
N HIS A 170 -14.29 12.76 2.63
CA HIS A 170 -13.85 13.46 1.42
C HIS A 170 -15.01 13.77 0.48
N SER A 171 -14.72 14.55 -0.56
CA SER A 171 -15.72 14.95 -1.55
C SER A 171 -15.40 14.33 -2.92
N ASP A 172 -14.54 13.31 -2.91
CA ASP A 172 -14.17 12.53 -4.09
C ASP A 172 -13.63 11.20 -3.59
N PRO A 173 -13.40 10.21 -4.49
CA PRO A 173 -12.91 8.89 -4.05
C PRO A 173 -11.75 8.94 -3.10
N VAL A 174 -11.82 8.07 -2.09
CA VAL A 174 -10.75 7.90 -1.12
C VAL A 174 -9.72 6.92 -1.69
N SER A 175 -8.47 7.39 -1.81
CA SER A 175 -7.39 6.66 -2.44
C SER A 175 -6.55 5.78 -1.53
N ALA A 176 -6.52 6.13 -0.24
CA ALA A 176 -5.73 5.42 0.77
C ALA A 176 -6.23 5.69 2.18
N VAL A 177 -6.04 4.68 3.04
CA VAL A 177 -6.34 4.77 4.46
C VAL A 177 -5.30 3.95 5.24
N HIS A 178 -4.84 4.48 6.38
CA HIS A 178 -3.78 3.88 7.17
C HIS A 178 -3.91 4.29 8.62
N PHE A 179 -3.73 3.33 9.53
CA PHE A 179 -3.61 3.60 10.94
C PHE A 179 -2.16 3.91 11.29
N ASN A 180 -1.97 4.77 12.29
CA ASN A 180 -0.64 5.06 12.84
C ASN A 180 -0.24 3.89 13.75
N ARG A 181 0.97 3.98 14.32
CA ARG A 181 1.58 2.81 14.95
C ARG A 181 0.93 2.34 16.23
N ASP A 182 0.16 3.20 16.89
CA ASP A 182 -0.63 2.75 18.03
C ASP A 182 -2.13 2.64 17.77
N GLY A 183 -2.53 2.89 16.54
CA GLY A 183 -3.92 2.77 16.12
C GLY A 183 -4.84 3.90 16.50
N SER A 184 -4.30 4.94 17.15
CA SER A 184 -5.13 6.02 17.68
C SER A 184 -5.54 7.03 16.60
N LEU A 185 -4.82 7.02 15.47
CA LEU A 185 -5.10 7.92 14.35
C LEU A 185 -5.27 7.13 13.06
N ILE A 186 -6.02 7.72 12.13
CA ILE A 186 -6.16 7.28 10.75
C ILE A 186 -5.79 8.46 9.86
N VAL A 187 -5.04 8.18 8.79
CA VAL A 187 -4.82 9.15 7.73
C VAL A 187 -5.55 8.68 6.48
N SER A 188 -6.24 9.61 5.81
CA SER A 188 -6.91 9.31 4.56
C SER A 188 -6.48 10.31 3.52
N SER A 189 -6.50 9.87 2.26
CA SER A 189 -6.23 10.75 1.10
C SER A 189 -7.33 10.61 0.06
N SER A 190 -7.44 11.60 -0.82
CA SER A 190 -8.51 11.59 -1.80
C SER A 190 -8.16 12.32 -3.06
N TYR A 191 -8.86 11.93 -4.12
CA TYR A 191 -8.89 12.70 -5.36
C TYR A 191 -9.35 14.11 -5.17
N ASP A 192 -9.93 14.45 -4.02
CA ASP A 192 -10.30 15.85 -3.78
C ASP A 192 -9.09 16.79 -3.55
N GLY A 193 -7.90 16.22 -3.40
CA GLY A 193 -6.69 16.99 -3.19
C GLY A 193 -6.29 17.11 -1.72
N LEU A 194 -7.04 16.42 -0.84
CA LEU A 194 -6.80 16.54 0.59
C LEU A 194 -6.25 15.29 1.21
N CYS A 195 -5.47 15.53 2.28
CA CYS A 195 -5.12 14.51 3.27
CA CYS A 195 -5.15 14.51 3.24
C CYS A 195 -5.74 14.93 4.59
N ARG A 196 -6.39 14.00 5.29
CA ARG A 196 -6.98 14.27 6.57
C ARG A 196 -6.55 13.24 7.60
N ILE A 197 -6.40 13.68 8.85
CA ILE A 197 -6.05 12.85 9.99
C ILE A 197 -7.25 12.82 10.91
N TRP A 198 -7.61 11.61 11.33
CA TRP A 198 -8.81 11.35 12.08
C TRP A 198 -8.43 10.69 13.39
N ASP A 199 -9.16 11.04 14.44
CA ASP A 199 -9.12 10.35 15.72
C ASP A 199 -9.94 9.05 15.60
N THR A 200 -9.28 7.91 15.78
CA THR A 200 -9.93 6.61 15.65
C THR A 200 -11.16 6.46 16.61
N ALA A 201 -10.94 6.81 17.88
CA ALA A 201 -11.91 6.57 18.96
C ALA A 201 -13.19 7.35 18.79
N SER A 202 -13.12 8.51 18.14
CA SER A 202 -14.28 9.40 18.01
C SER A 202 -14.69 9.64 16.58
N GLY A 203 -13.79 9.35 15.63
CA GLY A 203 -14.02 9.67 14.24
C GLY A 203 -13.99 11.14 13.88
N GLN A 204 -13.55 11.99 14.81
CA GLN A 204 -13.40 13.39 14.53
C GLN A 204 -12.11 13.66 13.73
N CYS A 205 -12.19 14.65 12.84
CA CYS A 205 -11.05 15.10 12.04
C CYS A 205 -10.17 15.97 12.91
N LEU A 206 -8.88 15.63 12.99
CA LEU A 206 -7.89 16.36 13.75
C LEU A 206 -7.16 17.40 12.91
N LYS A 207 -6.95 17.10 11.63
CA LYS A 207 -6.19 18.00 10.78
C LYS A 207 -6.51 17.75 9.34
N THR A 208 -6.48 18.82 8.54
CA THR A 208 -6.58 18.70 7.09
C THR A 208 -5.27 19.26 6.52
N LEU A 209 -4.54 18.47 5.73
CA LEU A 209 -3.39 18.92 4.94
C LEU A 209 -3.78 19.28 3.50
N ILE A 210 -3.52 20.54 3.12
CA ILE A 210 -3.84 21.06 1.80
C ILE A 210 -2.92 22.21 1.41
N ASN A 214 -3.79 22.07 -5.65
CA ASN A 214 -4.11 20.83 -4.99
C ASN A 214 -4.37 19.69 -5.99
N PRO A 215 -3.31 19.03 -6.49
CA PRO A 215 -3.50 17.84 -7.32
C PRO A 215 -4.12 16.74 -6.47
N PRO A 216 -4.81 15.77 -7.08
CA PRO A 216 -5.32 14.60 -6.37
C PRO A 216 -4.22 13.93 -5.55
N VAL A 217 -4.53 13.53 -4.32
CA VAL A 217 -3.65 12.76 -3.47
C VAL A 217 -4.00 11.28 -3.66
N SER A 218 -3.02 10.55 -4.19
CA SER A 218 -3.22 9.22 -4.75
C SER A 218 -2.79 8.12 -3.76
N PHE A 219 -2.06 8.53 -2.71
CA PHE A 219 -1.54 7.60 -1.73
C PHE A 219 -1.09 8.35 -0.48
N VAL A 220 -1.27 7.70 0.68
CA VAL A 220 -0.74 8.25 1.93
C VAL A 220 -0.50 7.09 2.93
N LYS A 221 0.52 7.24 3.76
CA LYS A 221 0.69 6.42 4.93
C LYS A 221 1.57 7.09 5.95
N PHE A 222 1.40 6.65 7.20
CA PHE A 222 2.25 7.06 8.31
C PHE A 222 3.65 6.44 8.18
N SER A 223 4.65 7.19 8.62
CA SER A 223 6.02 6.70 8.76
C SER A 223 6.14 5.70 9.92
N PRO A 224 7.08 4.73 9.83
CA PRO A 224 7.36 3.82 10.93
C PRO A 224 7.85 4.50 12.22
N ASN A 225 8.46 5.69 12.12
CA ASN A 225 8.92 6.40 13.30
C ASN A 225 7.87 7.26 14.00
N GLY A 226 6.60 7.13 13.58
CA GLY A 226 5.48 7.79 14.20
C GLY A 226 5.18 9.25 13.82
N LYS A 227 6.17 9.96 13.29
CA LYS A 227 6.08 11.43 13.16
C LYS A 227 5.57 12.02 11.82
N TYR A 228 5.65 11.23 10.75
CA TYR A 228 5.41 11.76 9.43
C TYR A 228 4.34 10.99 8.70
N ILE A 229 3.84 11.61 7.64
CA ILE A 229 3.12 10.90 6.59
C ILE A 229 3.80 11.14 5.27
N LEU A 230 3.82 10.09 4.44
CA LEU A 230 4.29 10.11 3.10
C LEU A 230 3.06 10.15 2.22
N ALA A 231 2.97 11.16 1.36
CA ALA A 231 1.82 11.34 0.47
C ALA A 231 2.26 11.50 -0.98
N ALA A 232 1.59 10.76 -1.87
CA ALA A 232 1.80 10.88 -3.31
C ALA A 232 0.71 11.72 -3.92
N THR A 233 1.10 12.58 -4.88
CA THR A 233 0.18 13.36 -5.67
C THR A 233 0.36 13.09 -7.16
N LEU A 234 -0.73 13.25 -7.92
CA LEU A 234 -0.74 12.98 -9.34
C LEU A 234 -0.13 14.12 -10.17
N ASP A 235 1.00 14.68 -9.70
CA ASP A 235 1.85 15.62 -10.42
C ASP A 235 3.31 15.14 -10.29
N ASN A 236 3.49 13.82 -10.24
CA ASN A 236 4.76 13.15 -10.25
C ASN A 236 5.59 13.46 -8.99
N THR A 237 4.93 13.58 -7.83
CA THR A 237 5.58 14.04 -6.60
C THR A 237 5.19 13.19 -5.41
N LEU A 238 6.19 12.86 -4.58
CA LEU A 238 6.00 12.26 -3.29
C LEU A 238 6.52 13.24 -2.27
N LYS A 239 5.82 13.40 -1.15
CA LYS A 239 6.21 14.35 -0.09
C LYS A 239 6.10 13.74 1.28
N LEU A 240 7.11 14.04 2.11
CA LEU A 240 7.13 13.62 3.50
C LEU A 240 6.72 14.84 4.34
N TRP A 241 5.59 14.69 5.05
CA TRP A 241 4.97 15.74 5.85
C TRP A 241 5.12 15.45 7.31
N ASP A 242 5.49 16.48 8.08
CA ASP A 242 5.31 16.47 9.51
C ASP A 242 3.86 16.87 9.78
N TYR A 243 3.07 15.90 10.25
CA TYR A 243 1.64 16.05 10.20
C TYR A 243 1.13 16.93 11.31
N SER A 244 1.77 16.86 12.48
CA SER A 244 1.52 17.79 13.58
C SER A 244 1.66 19.25 13.16
N LYS A 245 2.86 19.58 12.65
CA LYS A 245 3.20 20.94 12.30
C LYS A 245 2.61 21.40 10.99
N GLY A 246 2.10 20.44 10.18
CA GLY A 246 1.58 20.70 8.86
C GLY A 246 2.59 21.23 7.85
N LYS A 247 3.80 20.68 7.85
CA LYS A 247 4.92 21.19 7.04
C LYS A 247 5.54 20.07 6.23
N CYS A 248 5.93 20.39 4.99
CA CYS A 248 6.55 19.42 4.05
C CYS A 248 8.06 19.40 4.21
N LEU A 249 8.61 18.30 4.74
CA LEU A 249 10.02 18.26 5.08
C LEU A 249 10.91 17.76 3.93
N LYS A 250 10.36 16.93 3.05
CA LYS A 250 11.10 16.33 1.94
C LYS A 250 10.16 16.12 0.74
N THR A 251 10.74 16.23 -0.47
CA THR A 251 10.07 16.02 -1.75
C THR A 251 10.93 15.04 -2.56
N TYR A 252 10.28 14.04 -3.16
CA TYR A 252 10.90 13.01 -3.97
C TYR A 252 10.29 13.07 -5.36
N THR A 253 11.16 13.26 -6.37
CA THR A 253 10.76 13.38 -7.74
C THR A 253 11.70 12.61 -8.66
N GLY A 254 11.29 12.53 -9.92
CA GLY A 254 12.00 11.86 -10.98
C GLY A 254 11.24 10.72 -11.60
N HIS A 255 10.19 10.23 -10.92
CA HIS A 255 9.33 9.19 -11.44
C HIS A 255 8.12 9.81 -12.14
N LYS A 256 7.26 8.96 -12.70
CA LYS A 256 6.09 9.38 -13.44
C LYS A 256 4.86 8.85 -12.70
N ASN A 257 4.04 9.77 -12.21
CA ASN A 257 2.79 9.41 -11.52
C ASN A 257 1.78 10.53 -11.74
N GLU A 258 1.00 10.38 -12.83
CA GLU A 258 -0.03 11.32 -13.22
C GLU A 258 -1.43 10.72 -13.31
N LYS A 259 -1.58 9.40 -13.16
CA LYS A 259 -2.84 8.73 -13.52
C LYS A 259 -3.30 7.75 -12.44
N TYR A 260 -2.39 6.90 -11.99
CA TYR A 260 -2.73 5.77 -11.12
C TYR A 260 -2.43 6.01 -9.66
N CYS A 261 -3.18 5.34 -8.78
CA CYS A 261 -2.87 5.32 -7.37
C CYS A 261 -1.82 4.27 -7.07
N ILE A 262 -0.57 4.71 -7.09
CA ILE A 262 0.58 3.86 -6.89
C ILE A 262 0.99 3.92 -5.42
N PHE A 263 1.18 2.74 -4.80
CA PHE A 263 1.69 2.65 -3.42
C PHE A 263 3.15 3.12 -3.30
N ALA A 264 3.50 3.71 -2.15
CA ALA A 264 4.89 4.01 -1.82
C ALA A 264 5.18 3.44 -0.43
N ASN A 265 6.48 3.28 -0.11
CA ASN A 265 6.90 2.60 1.10
C ASN A 265 8.14 3.22 1.69
N PHE A 266 8.30 2.96 2.97
CA PHE A 266 9.53 3.23 3.70
C PHE A 266 10.27 1.92 3.75
N SER A 267 11.51 1.90 3.27
CA SER A 267 12.37 0.72 3.46
C SER A 267 13.30 1.02 4.61
N VAL A 268 13.31 0.13 5.60
CA VAL A 268 14.04 0.36 6.80
C VAL A 268 14.90 -0.77 7.32
N THR A 269 14.96 -1.89 6.59
CA THR A 269 15.71 -3.08 7.02
C THR A 269 17.21 -2.90 6.82
N GLY A 270 17.59 -2.10 5.82
CA GLY A 270 18.97 -1.74 5.52
C GLY A 270 19.09 -0.21 5.58
N GLY A 271 19.53 0.40 4.48
CA GLY A 271 19.51 1.85 4.39
C GLY A 271 18.08 2.40 4.44
N LYS A 272 17.95 3.71 4.66
CA LYS A 272 16.65 4.33 4.82
C LYS A 272 16.22 4.91 3.51
N TRP A 273 15.31 4.20 2.85
CA TRP A 273 14.86 4.55 1.51
C TRP A 273 13.37 4.80 1.49
N ILE A 274 12.96 5.50 0.43
CA ILE A 274 11.59 5.59 -0.01
C ILE A 274 11.53 4.79 -1.30
N VAL A 275 10.48 3.97 -1.46
CA VAL A 275 10.32 3.07 -2.61
C VAL A 275 8.95 3.33 -3.22
N SER A 276 8.89 3.48 -4.55
CA SER A 276 7.62 3.64 -5.25
C SER A 276 7.67 3.03 -6.64
N GLY A 277 6.50 2.62 -7.15
CA GLY A 277 6.37 2.27 -8.53
C GLY A 277 6.22 3.55 -9.34
N SER A 278 5.96 3.39 -10.64
CA SER A 278 6.01 4.49 -11.60
C SER A 278 5.35 4.07 -12.87
N GLU A 279 4.78 5.05 -13.55
CA GLU A 279 4.14 4.85 -14.82
C GLU A 279 5.09 4.70 -16.00
N ASP A 280 6.41 4.76 -15.77
CA ASP A 280 7.41 4.42 -16.80
C ASP A 280 7.93 2.98 -16.58
N ASN A 281 7.19 2.19 -15.80
CA ASN A 281 7.43 0.75 -15.67
C ASN A 281 8.65 0.40 -14.80
N LEU A 282 9.17 1.39 -14.06
CA LEU A 282 10.31 1.22 -13.15
C LEU A 282 9.89 1.28 -11.69
N VAL A 283 10.69 0.62 -10.85
CA VAL A 283 10.64 0.81 -9.43
C VAL A 283 11.70 1.86 -9.10
N TYR A 284 11.30 2.90 -8.38
CA TYR A 284 12.21 3.97 -7.96
C TYR A 284 12.55 3.81 -6.46
N ILE A 285 13.80 4.08 -6.11
CA ILE A 285 14.31 4.02 -4.75
C ILE A 285 15.09 5.30 -4.50
N TRP A 286 14.64 6.08 -3.51
CA TRP A 286 15.28 7.33 -3.13
C TRP A 286 15.91 7.16 -1.76
N ASN A 287 17.01 7.89 -1.54
CA ASN A 287 17.53 8.08 -0.20
C ASN A 287 16.58 9.05 0.52
N LEU A 288 16.04 8.58 1.66
CA LEU A 288 15.04 9.33 2.40
C LEU A 288 15.56 10.71 2.83
N GLN A 289 16.80 10.77 3.32
CA GLN A 289 17.37 12.03 3.76
C GLN A 289 17.82 12.96 2.63
N THR A 290 18.52 12.43 1.62
CA THR A 290 19.12 13.29 0.60
C THR A 290 18.15 13.63 -0.52
N LYS A 291 17.15 12.76 -0.69
CA LYS A 291 16.12 12.85 -1.74
C LYS A 291 16.62 12.47 -3.12
N GLU A 292 17.88 11.99 -3.21
CA GLU A 292 18.43 11.48 -4.45
C GLU A 292 17.85 10.09 -4.78
N ILE A 293 17.66 9.86 -6.09
CA ILE A 293 17.33 8.54 -6.65
C ILE A 293 18.61 7.72 -6.54
N VAL A 294 18.56 6.62 -5.80
CA VAL A 294 19.72 5.77 -5.63
C VAL A 294 19.65 4.48 -6.44
N GLN A 295 18.46 4.08 -6.90
CA GLN A 295 18.29 2.97 -7.84
C GLN A 295 16.98 3.07 -8.59
N LYS A 296 16.99 2.57 -9.84
CA LYS A 296 15.78 2.31 -10.64
C LYS A 296 15.79 0.82 -11.07
N LEU A 297 14.73 0.10 -10.74
CA LEU A 297 14.69 -1.31 -11.05
C LEU A 297 13.88 -1.53 -12.31
N GLN A 298 14.53 -2.12 -13.32
CA GLN A 298 13.96 -2.31 -14.65
C GLN A 298 13.54 -3.76 -14.79
N GLY A 299 12.44 -4.02 -15.49
CA GLY A 299 12.00 -5.39 -15.65
C GLY A 299 10.56 -5.46 -16.07
N HIS A 300 9.71 -4.68 -15.39
CA HIS A 300 8.28 -4.70 -15.67
C HIS A 300 7.96 -4.11 -17.05
N THR A 301 6.83 -4.54 -17.62
CA THR A 301 6.40 -4.14 -18.95
C THR A 301 5.06 -3.46 -18.93
N ASP A 302 4.67 -2.97 -17.74
CA ASP A 302 3.56 -2.08 -17.56
C ASP A 302 3.80 -1.29 -16.26
N VAL A 303 2.88 -0.37 -15.97
CA VAL A 303 2.95 0.49 -14.80
C VAL A 303 3.12 -0.35 -13.55
N VAL A 304 4.06 0.04 -12.68
CA VAL A 304 4.28 -0.60 -11.42
C VAL A 304 3.34 0.07 -10.41
N ILE A 305 2.22 -0.60 -10.13
CA ILE A 305 1.13 -0.05 -9.38
C ILE A 305 1.38 -0.18 -7.87
N SER A 306 2.17 -1.19 -7.49
CA SER A 306 2.33 -1.55 -6.10
C SER A 306 3.76 -2.04 -5.83
N THR A 307 4.30 -1.59 -4.69
CA THR A 307 5.56 -2.07 -4.14
C THR A 307 5.32 -2.35 -2.66
N ALA A 308 6.12 -3.24 -2.10
CA ALA A 308 6.06 -3.58 -0.70
C ALA A 308 7.46 -3.95 -0.28
N CYS A 309 7.80 -3.65 0.98
CA CYS A 309 9.13 -3.91 1.52
C CYS A 309 8.99 -4.95 2.62
N HIS A 310 9.86 -5.95 2.60
CA HIS A 310 9.78 -7.09 3.55
C HIS A 310 10.09 -6.55 4.95
N PRO A 311 9.43 -7.07 6.01
CA PRO A 311 9.59 -6.52 7.36
C PRO A 311 10.96 -6.73 8.01
N THR A 312 11.71 -7.77 7.62
CA THR A 312 13.01 -8.04 8.23
C THR A 312 14.21 -8.16 7.31
N GLU A 313 13.99 -8.42 6.01
CA GLU A 313 15.08 -8.62 5.05
C GLU A 313 15.00 -7.55 3.97
N ASN A 314 16.14 -7.30 3.30
CA ASN A 314 16.19 -6.32 2.21
C ASN A 314 15.59 -6.95 0.92
N ILE A 315 14.25 -7.02 0.86
CA ILE A 315 13.49 -7.61 -0.24
C ILE A 315 12.35 -6.68 -0.60
N ILE A 316 12.24 -6.33 -1.88
CA ILE A 316 11.13 -5.57 -2.38
C ILE A 316 10.28 -6.47 -3.30
N ALA A 317 8.95 -6.35 -3.21
CA ALA A 317 7.99 -6.97 -4.13
C ALA A 317 7.38 -5.82 -4.91
N SER A 318 7.31 -5.97 -6.22
CA SER A 318 6.68 -5.05 -7.13
C SER A 318 5.65 -5.79 -8.02
N ALA A 319 4.58 -5.09 -8.40
CA ALA A 319 3.53 -5.64 -9.22
C ALA A 319 3.11 -4.65 -10.30
N ALA A 320 2.67 -5.18 -11.43
CA ALA A 320 2.32 -4.36 -12.58
C ALA A 320 0.96 -4.63 -13.18
N LEU A 321 0.54 -3.73 -14.08
CA LEU A 321 -0.77 -3.73 -14.70
C LEU A 321 -0.87 -4.72 -15.88
N GLU A 322 -1.92 -4.57 -16.71
CA GLU A 322 -2.45 -5.61 -17.61
C GLU A 322 -1.46 -6.18 -18.61
N ASN A 323 -0.56 -5.33 -19.11
CA ASN A 323 0.43 -5.78 -20.08
C ASN A 323 1.47 -6.70 -19.49
N ASP A 324 1.53 -6.78 -18.16
CA ASP A 324 2.58 -7.50 -17.45
C ASP A 324 1.92 -8.59 -16.55
N LYS A 325 1.16 -8.16 -15.53
CA LYS A 325 0.39 -9.08 -14.66
C LYS A 325 1.25 -9.93 -13.75
N THR A 326 2.54 -9.58 -13.65
CA THR A 326 3.46 -10.32 -12.81
C THR A 326 3.86 -9.53 -11.60
N ILE A 327 4.34 -10.27 -10.60
CA ILE A 327 4.99 -9.74 -9.42
C ILE A 327 6.47 -10.14 -9.52
N LYS A 328 7.35 -9.24 -9.06
CA LYS A 328 8.79 -9.43 -9.07
C LYS A 328 9.32 -9.24 -7.65
N LEU A 329 10.23 -10.14 -7.24
CA LEU A 329 10.94 -10.09 -5.96
C LEU A 329 12.38 -9.70 -6.26
N TRP A 330 12.84 -8.62 -5.61
CA TRP A 330 14.18 -8.09 -5.75
C TRP A 330 14.87 -8.10 -4.38
N LYS A 331 16.16 -8.43 -4.35
CA LYS A 331 16.92 -8.46 -3.11
C LYS A 331 18.21 -7.68 -3.18
N SER A 332 18.58 -7.09 -2.02
CA SER A 332 19.72 -6.18 -1.88
C SER A 332 20.61 -6.63 -0.72
N ASP A 333 21.92 -6.42 -0.87
CA ASP A 333 22.86 -6.63 0.22
C ASP A 333 22.74 -5.61 1.34
N CYS A 334 22.16 -4.44 1.02
N CYS A 334 22.11 -4.45 1.06
CA CYS A 334 22.13 -3.30 1.94
CA CYS A 334 21.88 -3.41 2.05
C CYS A 334 20.90 -2.43 1.73
C CYS A 334 20.63 -2.59 1.77
CM ALQ B 1 -11.17 -4.22 -10.89
CA ALQ B 1 -10.01 -3.40 -10.37
CB ALQ B 1 -9.34 -3.90 -9.10
C ALQ B 1 -10.33 -1.90 -10.34
O ALQ B 1 -9.63 -1.34 -11.24
N 4FO B 2 -10.95 -0.98 -9.67
CA 4FO B 2 -10.94 0.48 -9.61
C 4FO B 2 -9.51 1.03 -9.81
O 4FO B 2 -8.99 1.66 -10.77
CB 4FO B 2 -11.78 1.14 -10.68
CG 4FO B 2 -11.86 2.64 -10.36
NZ 4FO B 2 -12.01 3.43 -11.56
N ARG B 3 -8.22 0.10 -8.73
CA ARG B 3 -6.87 0.74 -8.89
C ARG B 3 -6.25 0.53 -10.28
N ABA B 4 -6.71 -0.51 -11.00
CA ABA B 4 -5.99 -1.03 -12.16
C ABA B 4 -6.40 -0.34 -13.46
O ABA B 4 -5.72 -0.53 -14.47
CB ABA B 4 -6.24 -2.55 -12.25
CG ABA B 4 -5.73 -3.33 -11.04
N DPN B 5 -7.48 0.47 -13.46
CA DPN B 5 -7.95 1.14 -14.67
C DPN B 5 -8.70 0.16 -15.58
O DPN B 5 -9.81 -0.21 -15.20
CB DPN B 5 -8.82 2.35 -14.32
CG DPN B 5 -8.02 3.62 -14.19
CD1 DPN B 5 -7.72 4.39 -15.31
CD2 DPN B 5 -7.54 4.04 -12.96
CE1 DPN B 5 -6.95 5.54 -15.20
CE2 DPN B 5 -6.79 5.20 -12.84
CZ DPN B 5 -6.49 5.95 -13.97
NAA EDN B 6 -8.19 -0.27 -16.67
CAB EDN B 6 -8.56 -1.24 -17.69
CAC EDN B 6 -8.63 -0.57 -19.06
NAD EDN B 6 -9.51 0.60 -19.00
CAA S7Z B 7 -11.64 4.58 -11.96
CB S7Z B 7 -9.43 1.87 -19.12
OB S7Z B 7 -8.15 2.04 -18.57
CB1 S7Z B 7 -11.64 5.57 -18.60
NB1 S7Z B 7 -12.43 6.79 -18.38
CB2 S7Z B 7 -12.25 4.33 -18.42
CB3 S7Z B 7 -11.54 3.14 -18.58
CA1 S7Z B 7 -12.38 6.64 -15.74
CA2 S7Z B 7 -13.42 6.22 -14.88
CA3 S7Z B 7 -13.17 5.56 -13.69
CA4 S7Z B 7 -11.87 5.31 -13.29
CA5 S7Z B 7 -10.82 5.71 -14.11
CA6 S7Z B 7 -11.06 6.38 -15.32
CB4 S7Z B 7 -10.19 3.17 -18.94
CB5 S7Z B 7 -9.56 4.40 -19.13
CB6 S7Z B 7 -10.28 5.59 -18.96
FA2 S7Z B 7 -14.72 6.43 -15.20
FA6 S7Z B 7 -10.00 6.77 -16.09
FB2 S7Z B 7 -13.57 4.31 -18.10
FB6 S7Z B 7 -9.64 6.78 -19.13
NA1 S7Z B 7 -12.66 7.33 -17.03
OA S7Z B 7 -10.34 4.81 -11.49
#